data_3WW2
#
_entry.id   3WW2
#
_cell.length_a   76.780
_cell.length_b   88.200
_cell.length_c   151.100
_cell.angle_alpha   90.00
_cell.angle_beta   90.00
_cell.angle_gamma   90.00
#
_symmetry.space_group_name_H-M   'C 2 2 21'
#
loop_
_entity.id
_entity.type
_entity.pdbx_description
1 polymer 'L-ribose isomerase'
2 non-polymer 'MANGANESE (II) ION'
3 non-polymer alpha-L-psicofuranose
4 non-polymer L-psicose
5 non-polymer beta-L-psicofuranose
6 water water
#
_entity_poly.entity_id   1
_entity_poly.type   'polypeptide(L)'
_entity_poly.pdbx_seq_one_letter_code
;HHHHHHGSTRTAISRREYDEWLSEAASLARALRYPVTPEMVNDSAGIVFGDDQYEAFAHGLWSREPYEVMVILESLNEPA
VDGLPAAGAAHAEYSGLCDKLMIVHPGKFCPPHFHQRKTESYEVVLGEMEVFYAPEPVTVGDDDVLSFSPMPEGSPWPEG
VALPAGREDSYAGLTSYVRLRAGDPKFVMHRKHLHAFRCPADSPVPLVVREVSTYSHEPTEHAHDKAAPLPQWRGLHDNT
FVAEAANSGRLATAIA
;
_entity_poly.pdbx_strand_id   A,B
#
loop_
_chem_comp.id
_chem_comp.type
_chem_comp.name
_chem_comp.formula
LPK L-saccharide L-psicose 'C6 H12 O6'
MN non-polymer 'MANGANESE (II) ION' 'Mn 2'
SF6 L-saccharide, alpha linking alpha-L-psicofuranose 'C6 H12 O6'
SF9 L-saccharide, beta linking beta-L-psicofuranose 'C6 H12 O6'
#
# COMPACT_ATOMS: atom_id res chain seq x y z
N THR A 9 38.70 1.80 3.98
CA THR A 9 38.39 3.13 3.38
C THR A 9 38.21 3.07 1.86
N ARG A 10 36.97 3.23 1.43
CA ARG A 10 36.61 3.20 0.01
C ARG A 10 35.49 4.19 -0.23
N THR A 11 35.49 4.85 -1.38
CA THR A 11 34.47 5.84 -1.70
C THR A 11 33.49 5.39 -2.77
N ALA A 12 33.56 4.11 -3.11
CA ALA A 12 32.65 3.56 -4.11
C ALA A 12 32.45 2.07 -3.88
N ILE A 13 31.61 1.47 -4.72
CA ILE A 13 31.32 0.05 -4.64
C ILE A 13 31.58 -0.50 -6.03
N SER A 14 32.28 -1.63 -6.11
CA SER A 14 32.58 -2.21 -7.41
C SER A 14 31.28 -2.63 -8.09
N ARG A 15 31.31 -2.68 -9.41
CA ARG A 15 30.13 -3.07 -10.19
C ARG A 15 29.68 -4.50 -9.83
N ARG A 16 30.62 -5.37 -9.48
CA ARG A 16 30.27 -6.74 -9.13
C ARG A 16 29.51 -6.74 -7.80
N GLU A 17 30.03 -6.02 -6.82
CA GLU A 17 29.35 -5.95 -5.54
C GLU A 17 27.94 -5.36 -5.69
N TYR A 18 27.81 -4.33 -6.52
CA TYR A 18 26.52 -3.70 -6.71
C TYR A 18 25.50 -4.61 -7.41
N ASP A 19 25.92 -5.28 -8.48
CA ASP A 19 25.00 -6.17 -9.20
C ASP A 19 24.55 -7.33 -8.36
N GLU A 20 25.46 -7.90 -7.60
CA GLU A 20 25.15 -9.03 -6.74
C GLU A 20 24.18 -8.62 -5.64
N TRP A 21 24.45 -7.46 -5.05
CA TRP A 21 23.63 -6.89 -3.98
C TRP A 21 22.20 -6.74 -4.46
N LEU A 22 22.02 -6.10 -5.62
CA LEU A 22 20.68 -5.91 -6.14
C LEU A 22 20.05 -7.13 -6.79
N SER A 23 20.86 -7.98 -7.41
CA SER A 23 20.28 -9.16 -8.03
C SER A 23 19.70 -10.07 -6.95
N GLU A 24 20.44 -10.25 -5.87
CA GLU A 24 19.96 -11.11 -4.80
C GLU A 24 18.77 -10.50 -4.07
N ALA A 25 18.74 -9.17 -3.96
CA ALA A 25 17.63 -8.51 -3.28
C ALA A 25 16.35 -8.67 -4.11
N ALA A 26 16.48 -8.53 -5.42
CA ALA A 26 15.36 -8.63 -6.33
C ALA A 26 14.89 -10.08 -6.44
N SER A 27 15.80 -11.03 -6.20
CA SER A 27 15.44 -12.44 -6.27
C SER A 27 14.62 -12.79 -5.04
N LEU A 28 15.03 -12.23 -3.91
CA LEU A 28 14.33 -12.45 -2.65
C LEU A 28 12.94 -11.85 -2.80
N ALA A 29 12.89 -10.65 -3.36
CA ALA A 29 11.65 -9.93 -3.58
C ALA A 29 10.71 -10.78 -4.43
N ARG A 30 11.20 -11.17 -5.60
CA ARG A 30 10.42 -11.99 -6.52
C ARG A 30 9.98 -13.28 -5.83
N ALA A 31 10.88 -13.85 -5.03
CA ALA A 31 10.60 -15.06 -4.27
C ALA A 31 9.43 -14.80 -3.35
N LEU A 32 9.43 -13.63 -2.73
CA LEU A 32 8.38 -13.24 -1.80
C LEU A 32 7.15 -12.67 -2.51
N ARG A 33 7.10 -12.83 -3.83
CA ARG A 33 5.98 -12.37 -4.64
C ARG A 33 5.82 -10.87 -4.87
N TYR A 34 6.85 -10.07 -4.62
CA TYR A 34 6.71 -8.66 -4.87
C TYR A 34 6.83 -8.48 -6.40
N PRO A 35 5.98 -7.61 -6.99
CA PRO A 35 6.00 -7.36 -8.43
C PRO A 35 7.25 -6.61 -8.89
N VAL A 36 8.27 -7.35 -9.26
CA VAL A 36 9.52 -6.74 -9.72
C VAL A 36 9.65 -6.77 -11.23
N THR A 37 9.89 -5.62 -11.81
CA THR A 37 10.11 -5.56 -13.25
C THR A 37 11.52 -5.01 -13.40
N PRO A 38 12.18 -5.28 -14.54
CA PRO A 38 13.55 -4.82 -14.79
C PRO A 38 13.89 -3.35 -14.49
N GLU A 39 12.97 -2.44 -14.80
CA GLU A 39 13.21 -1.03 -14.55
C GLU A 39 13.43 -0.71 -13.07
N MET A 40 12.96 -1.59 -12.19
CA MET A 40 13.11 -1.36 -10.76
C MET A 40 14.51 -1.65 -10.27
N VAL A 41 15.21 -2.55 -10.94
CA VAL A 41 16.58 -2.88 -10.55
C VAL A 41 17.49 -1.96 -11.36
N ASN A 42 17.80 -0.80 -10.77
CA ASN A 42 18.61 0.21 -11.42
C ASN A 42 19.72 0.74 -10.52
N ASP A 43 20.54 1.64 -11.07
CA ASP A 43 21.66 2.22 -10.34
C ASP A 43 21.33 3.05 -9.12
N SER A 44 20.04 3.23 -8.82
CA SER A 44 19.69 4.02 -7.65
C SER A 44 18.90 3.26 -6.60
N ALA A 45 18.73 1.96 -6.79
CA ALA A 45 17.99 1.11 -5.86
C ALA A 45 18.82 0.74 -4.64
N GLY A 46 20.13 0.63 -4.82
CA GLY A 46 21.02 0.29 -3.71
C GLY A 46 21.56 1.59 -3.14
N ILE A 47 21.08 1.96 -1.96
CA ILE A 47 21.45 3.21 -1.29
C ILE A 47 22.56 3.12 -0.23
N VAL A 48 23.53 4.02 -0.32
CA VAL A 48 24.61 4.10 0.65
C VAL A 48 24.48 5.50 1.24
N PHE A 49 24.09 5.60 2.50
CA PHE A 49 23.88 6.90 3.15
C PHE A 49 25.14 7.62 3.64
N GLY A 50 25.88 8.22 2.70
CA GLY A 50 27.09 8.93 3.06
C GLY A 50 28.33 8.19 2.62
N ASP A 51 29.32 8.92 2.11
CA ASP A 51 30.55 8.32 1.63
C ASP A 51 31.25 7.42 2.65
N ASP A 52 31.15 7.78 3.92
CA ASP A 52 31.79 6.99 4.97
C ASP A 52 31.10 5.66 5.20
N GLN A 53 29.97 5.44 4.54
CA GLN A 53 29.22 4.20 4.70
C GLN A 53 29.51 3.19 3.61
N TYR A 54 30.38 3.54 2.67
CA TYR A 54 30.77 2.62 1.61
C TYR A 54 31.63 1.55 2.28
N GLU A 55 32.13 1.89 3.47
CA GLU A 55 32.97 0.99 4.25
C GLU A 55 32.23 -0.31 4.55
N ALA A 56 30.90 -0.28 4.43
CA ALA A 56 30.07 -1.47 4.67
C ALA A 56 30.49 -2.63 3.75
N PHE A 57 31.00 -2.31 2.58
CA PHE A 57 31.41 -3.34 1.64
C PHE A 57 32.86 -3.82 1.82
N ALA A 58 33.57 -3.23 2.78
CA ALA A 58 34.94 -3.66 3.03
C ALA A 58 34.85 -5.12 3.47
N HIS A 59 33.88 -5.42 4.32
CA HIS A 59 33.66 -6.77 4.82
C HIS A 59 32.39 -7.41 4.25
N GLY A 60 31.49 -6.57 3.72
CA GLY A 60 30.28 -7.11 3.14
C GLY A 60 29.01 -7.07 3.97
N LEU A 61 27.89 -7.27 3.29
CA LEU A 61 26.56 -7.22 3.90
C LEU A 61 26.22 -8.38 4.83
N TRP A 62 27.14 -9.32 4.98
CA TRP A 62 26.92 -10.43 5.89
C TRP A 62 27.93 -10.38 7.03
N SER A 63 28.62 -9.25 7.14
CA SER A 63 29.61 -9.08 8.19
C SER A 63 28.90 -8.81 9.52
N ARG A 64 27.63 -8.43 9.46
CA ARG A 64 26.83 -8.12 10.64
C ARG A 64 27.23 -6.83 11.35
N GLU A 65 28.06 -6.04 10.69
CA GLU A 65 28.51 -4.75 11.20
C GLU A 65 27.47 -3.66 10.94
N PRO A 66 27.41 -2.64 11.82
CA PRO A 66 26.45 -1.54 11.69
C PRO A 66 26.80 -0.47 10.65
N TYR A 67 25.99 -0.39 9.61
CA TYR A 67 26.19 0.59 8.55
C TYR A 67 24.83 1.00 8.02
N GLU A 68 24.76 2.20 7.47
CA GLU A 68 23.51 2.72 6.94
C GLU A 68 23.51 2.51 5.43
N VAL A 69 23.11 1.31 5.04
CA VAL A 69 23.05 0.86 3.66
C VAL A 69 21.78 0.01 3.47
N MET A 70 21.12 0.15 2.33
CA MET A 70 19.90 -0.61 2.05
C MET A 70 19.50 -0.60 0.58
N VAL A 71 18.62 -1.52 0.20
CA VAL A 71 18.12 -1.57 -1.15
C VAL A 71 16.62 -1.31 -1.12
N ILE A 72 16.15 -0.53 -2.08
CA ILE A 72 14.75 -0.22 -2.15
C ILE A 72 14.27 -0.52 -3.56
N LEU A 73 13.18 -1.29 -3.65
CA LEU A 73 12.56 -1.67 -4.92
C LEU A 73 11.18 -1.05 -4.92
N GLU A 74 11.02 0.03 -5.67
CA GLU A 74 9.74 0.75 -5.75
C GLU A 74 8.86 0.26 -6.90
N SER A 75 7.68 -0.25 -6.56
CA SER A 75 6.75 -0.76 -7.56
C SER A 75 5.64 0.24 -7.85
N LEU A 76 5.48 1.22 -6.97
CA LEU A 76 4.45 2.22 -7.14
C LEU A 76 4.76 3.56 -6.48
N ASN A 77 4.50 4.63 -7.20
CA ASN A 77 4.65 6.00 -6.70
C ASN A 77 3.71 6.81 -7.57
N GLU A 78 2.43 6.68 -7.25
CA GLU A 78 1.32 7.33 -7.94
C GLU A 78 0.94 8.69 -7.33
N PRO A 79 0.98 9.75 -8.13
CA PRO A 79 0.65 11.08 -7.62
C PRO A 79 -0.80 11.20 -7.12
N ALA A 80 -1.68 10.38 -7.66
CA ALA A 80 -3.09 10.39 -7.29
C ALA A 80 -3.72 11.78 -7.51
N VAL A 81 -3.23 12.49 -8.52
CA VAL A 81 -3.73 13.82 -8.83
C VAL A 81 -4.99 13.80 -9.70
N ASP A 82 -5.08 12.83 -10.62
CA ASP A 82 -6.26 12.74 -11.48
C ASP A 82 -7.57 12.66 -10.70
N GLY A 83 -8.54 13.46 -11.12
CA GLY A 83 -9.84 13.46 -10.47
C GLY A 83 -9.93 14.31 -9.21
N LEU A 84 -8.78 14.77 -8.74
CA LEU A 84 -8.73 15.59 -7.51
C LEU A 84 -9.18 17.04 -7.80
N PRO A 85 -10.14 17.57 -7.00
CA PRO A 85 -10.61 18.94 -7.20
C PRO A 85 -9.42 19.89 -7.26
N ALA A 86 -9.38 20.75 -8.28
CA ALA A 86 -8.28 21.69 -8.45
C ALA A 86 -8.02 22.50 -7.17
N ALA A 87 -9.05 22.66 -6.35
CA ALA A 87 -8.90 23.41 -5.12
C ALA A 87 -8.00 22.69 -4.12
N GLY A 88 -7.76 21.40 -4.35
CA GLY A 88 -6.92 20.63 -3.44
C GLY A 88 -5.48 20.46 -3.90
N ALA A 89 -5.14 21.09 -5.02
CA ALA A 89 -3.81 20.99 -5.58
C ALA A 89 -2.70 21.53 -4.66
N ALA A 90 -3.07 22.30 -3.65
CA ALA A 90 -2.08 22.87 -2.74
C ALA A 90 -1.50 21.82 -1.80
N HIS A 91 -2.32 20.86 -1.39
CA HIS A 91 -1.86 19.82 -0.48
C HIS A 91 -1.75 18.43 -1.09
N ALA A 92 -1.90 18.37 -2.42
CA ALA A 92 -1.79 17.11 -3.13
C ALA A 92 -0.46 16.37 -2.87
N GLU A 93 0.57 17.14 -2.51
CA GLU A 93 1.90 16.58 -2.25
C GLU A 93 1.96 15.78 -0.96
N TYR A 94 0.96 15.96 -0.09
CA TYR A 94 0.89 15.25 1.18
C TYR A 94 0.16 13.93 0.99
N SER A 95 -0.41 13.75 -0.19
CA SER A 95 -1.15 12.54 -0.51
C SER A 95 -0.38 11.67 -1.51
N GLY A 96 -1.10 10.97 -2.39
CA GLY A 96 -0.45 10.11 -3.35
C GLY A 96 -0.33 8.70 -2.82
N LEU A 97 0.23 7.81 -3.63
CA LEU A 97 0.39 6.41 -3.23
C LEU A 97 1.77 5.87 -3.58
N CYS A 98 2.39 5.18 -2.64
CA CYS A 98 3.70 4.61 -2.87
C CYS A 98 3.79 3.24 -2.24
N ASP A 99 4.37 2.29 -2.98
CA ASP A 99 4.55 0.93 -2.50
C ASP A 99 5.98 0.50 -2.85
N LYS A 100 6.78 0.23 -1.84
CA LYS A 100 8.16 -0.18 -2.08
C LYS A 100 8.57 -1.28 -1.12
N LEU A 101 9.47 -2.13 -1.59
CA LEU A 101 9.99 -3.23 -0.80
C LEU A 101 11.43 -2.87 -0.40
N MET A 102 11.71 -2.94 0.90
CA MET A 102 13.04 -2.59 1.41
C MET A 102 13.80 -3.78 1.95
N ILE A 103 15.08 -3.87 1.62
CA ILE A 103 15.89 -4.98 2.07
C ILE A 103 17.15 -4.50 2.80
N VAL A 104 17.20 -4.85 4.07
CA VAL A 104 18.29 -4.45 4.95
C VAL A 104 18.99 -5.69 5.51
N HIS A 105 20.30 -5.75 5.33
CA HIS A 105 21.05 -6.91 5.81
C HIS A 105 21.30 -6.82 7.30
N PRO A 106 21.62 -7.97 7.94
CA PRO A 106 21.89 -8.03 9.39
C PRO A 106 22.79 -6.91 9.89
N GLY A 107 22.31 -6.22 10.93
CA GLY A 107 23.07 -5.15 11.54
C GLY A 107 23.08 -3.81 10.80
N LYS A 108 22.49 -3.76 9.61
CA LYS A 108 22.46 -2.53 8.84
C LYS A 108 21.26 -1.67 9.18
N PHE A 109 21.34 -0.39 8.84
CA PHE A 109 20.26 0.56 9.16
C PHE A 109 19.76 1.42 8.01
N CYS A 110 18.60 2.00 8.25
CA CYS A 110 17.96 2.98 7.38
C CYS A 110 18.04 4.11 8.43
N PRO A 111 19.01 5.03 8.28
CA PRO A 111 19.31 6.19 9.14
C PRO A 111 18.20 7.16 9.56
N PRO A 112 18.43 7.86 10.68
CA PRO A 112 17.50 8.84 11.27
C PRO A 112 17.07 9.94 10.30
N HIS A 113 15.76 10.11 10.15
CA HIS A 113 15.23 11.15 9.28
C HIS A 113 13.74 11.32 9.53
N PHE A 114 13.16 12.28 8.82
CA PHE A 114 11.73 12.53 8.93
C PHE A 114 11.30 13.06 7.57
N HIS A 115 10.00 13.05 7.33
CA HIS A 115 9.46 13.54 6.07
C HIS A 115 8.51 14.68 6.42
N GLN A 116 8.43 15.67 5.56
CA GLN A 116 7.52 16.78 5.81
C GLN A 116 6.13 16.36 5.34
N ARG A 117 6.09 15.66 4.21
CA ARG A 117 4.83 15.25 3.63
C ARG A 117 4.47 13.77 3.74
N LYS A 118 5.46 12.91 3.57
CA LYS A 118 5.19 11.47 3.59
C LYS A 118 4.85 10.80 4.92
N THR A 119 3.72 10.10 4.92
CA THR A 119 3.28 9.32 6.07
C THR A 119 3.47 7.89 5.56
N GLU A 120 4.07 7.03 6.38
CA GLU A 120 4.30 5.65 5.96
C GLU A 120 3.81 4.55 6.91
N SER A 121 3.76 3.34 6.39
CA SER A 121 3.33 2.18 7.15
C SER A 121 4.30 1.05 6.84
N TYR A 122 4.48 0.13 7.78
CA TYR A 122 5.39 -0.99 7.60
C TYR A 122 4.75 -2.35 7.74
N GLU A 123 5.20 -3.25 6.89
CA GLU A 123 4.73 -4.63 6.88
C GLU A 123 5.96 -5.51 6.77
N VAL A 124 6.35 -6.14 7.87
CA VAL A 124 7.52 -7.01 7.83
C VAL A 124 7.13 -8.29 7.11
N VAL A 125 7.86 -8.59 6.04
CA VAL A 125 7.61 -9.77 5.23
C VAL A 125 8.51 -10.93 5.64
N LEU A 126 9.78 -10.62 5.90
CA LEU A 126 10.74 -11.65 6.28
C LEU A 126 11.71 -11.08 7.31
N GLY A 127 12.01 -11.87 8.34
CA GLY A 127 12.91 -11.41 9.37
C GLY A 127 12.21 -10.56 10.42
N GLU A 128 12.97 -9.66 11.06
CA GLU A 128 12.42 -8.77 12.07
C GLU A 128 12.97 -7.37 11.91
N MET A 129 12.15 -6.40 12.29
CA MET A 129 12.50 -4.99 12.16
C MET A 129 12.48 -4.25 13.48
N GLU A 130 13.58 -3.58 13.80
CA GLU A 130 13.65 -2.79 15.03
C GLU A 130 13.56 -1.34 14.60
N VAL A 131 12.50 -0.68 15.04
CA VAL A 131 12.24 0.70 14.70
C VAL A 131 12.53 1.64 15.87
N PHE A 132 13.31 2.68 15.60
CA PHE A 132 13.65 3.66 16.63
C PHE A 132 12.99 4.95 16.18
N TYR A 133 12.15 5.55 17.04
CA TYR A 133 11.48 6.78 16.64
C TYR A 133 11.18 7.78 17.75
N ALA A 134 10.81 8.98 17.30
CA ALA A 134 10.46 10.09 18.18
C ALA A 134 8.94 10.18 18.20
N PRO A 135 8.32 9.96 19.38
CA PRO A 135 6.88 10.00 19.58
C PRO A 135 6.31 11.40 19.32
N GLU A 136 7.14 12.42 19.50
CA GLU A 136 6.71 13.80 19.31
C GLU A 136 7.12 14.34 17.95
N PRO A 137 6.17 14.94 17.20
CA PRO A 137 6.47 15.48 15.87
C PRO A 137 7.21 16.80 15.87
N VAL A 138 7.81 17.12 14.74
CA VAL A 138 8.52 18.39 14.56
C VAL A 138 7.54 19.26 13.79
N THR A 139 7.85 20.55 13.63
CA THR A 139 6.95 21.43 12.88
C THR A 139 7.67 21.97 11.65
N VAL A 140 7.12 21.66 10.48
CA VAL A 140 7.70 22.11 9.23
C VAL A 140 6.63 22.73 8.37
N GLY A 141 6.99 23.80 7.65
CA GLY A 141 6.03 24.47 6.80
C GLY A 141 4.89 25.09 7.58
N ASP A 142 3.68 24.62 7.35
CA ASP A 142 2.49 25.13 8.04
C ASP A 142 2.65 24.91 9.55
N ASP A 143 2.19 25.88 10.33
CA ASP A 143 2.26 25.80 11.79
C ASP A 143 0.97 25.24 12.38
N ASP A 144 -0.12 25.33 11.61
CA ASP A 144 -1.41 24.83 12.05
C ASP A 144 -1.73 23.49 11.38
N VAL A 145 -1.44 22.40 12.08
CA VAL A 145 -1.67 21.08 11.54
C VAL A 145 -2.84 20.35 12.20
N LEU A 146 -3.24 19.24 11.60
CA LEU A 146 -4.33 18.44 12.13
C LEU A 146 -3.77 17.37 13.06
N SER A 147 -4.65 16.71 13.79
CA SER A 147 -4.25 15.66 14.72
C SER A 147 -5.40 14.69 14.94
N PHE A 148 -5.09 13.40 14.99
CA PHE A 148 -6.13 12.41 15.21
C PHE A 148 -5.64 11.23 16.03
N SER A 149 -4.64 10.53 15.52
CA SER A 149 -4.09 9.38 16.21
C SER A 149 -2.59 9.52 16.38
N PRO A 150 -2.16 10.31 17.40
CA PRO A 150 -0.74 10.53 17.65
C PRO A 150 0.04 9.21 17.78
N MET A 151 1.34 9.28 17.55
CA MET A 151 2.22 8.11 17.61
C MET A 151 2.20 7.49 19.00
N PRO A 152 2.24 6.16 19.07
CA PRO A 152 2.24 5.48 20.36
C PRO A 152 3.58 5.59 21.08
N GLU A 153 3.52 5.35 22.38
CA GLU A 153 4.65 5.43 23.29
C GLU A 153 5.78 4.41 23.01
N GLY A 154 5.45 3.27 22.41
CA GLY A 154 6.48 2.28 22.16
C GLY A 154 7.18 1.88 23.45
N SER A 155 8.41 1.40 23.35
CA SER A 155 9.17 0.96 24.53
C SER A 155 10.56 1.58 24.57
N PRO A 156 11.25 1.45 25.73
CA PRO A 156 12.60 2.00 25.84
C PRO A 156 13.42 1.08 24.93
N TRP A 157 14.61 1.52 24.52
CA TRP A 157 15.46 0.70 23.67
C TRP A 157 15.87 -0.60 24.36
N PRO A 158 16.09 -1.66 23.58
CA PRO A 158 16.50 -2.91 24.20
C PRO A 158 18.00 -2.79 24.38
N GLU A 159 18.59 -3.62 25.22
CA GLU A 159 20.03 -3.60 25.42
C GLU A 159 20.71 -4.26 24.22
N GLY A 160 21.94 -3.86 23.92
CA GLY A 160 22.69 -4.49 22.84
C GLY A 160 22.58 -4.05 21.38
N VAL A 161 22.15 -2.82 21.13
CA VAL A 161 22.04 -2.35 19.76
C VAL A 161 23.35 -1.71 19.34
N ALA A 162 23.90 -2.16 18.22
CA ALA A 162 25.15 -1.59 17.74
C ALA A 162 24.84 -0.53 16.70
N LEU A 163 25.21 0.72 17.00
CA LEU A 163 24.96 1.84 16.09
C LEU A 163 26.17 2.10 15.22
N PRO A 164 25.96 2.70 14.03
CA PRO A 164 27.05 3.00 13.10
C PRO A 164 28.12 3.91 13.67
N ALA A 165 29.37 3.59 13.40
CA ALA A 165 30.50 4.37 13.87
C ALA A 165 30.53 5.82 13.34
N GLY A 166 30.60 6.77 14.25
CA GLY A 166 30.63 8.16 13.85
C GLY A 166 29.27 8.79 13.68
N ARG A 167 28.21 8.03 13.99
CA ARG A 167 26.86 8.56 13.83
C ARG A 167 25.91 8.18 14.95
N GLU A 168 26.48 7.68 16.05
CA GLU A 168 25.69 7.24 17.19
C GLU A 168 24.74 8.28 17.77
N ASP A 169 25.19 9.51 17.94
CA ASP A 169 24.30 10.50 18.52
C ASP A 169 23.19 10.97 17.58
N SER A 170 23.28 10.65 16.29
CA SER A 170 22.21 11.05 15.37
C SER A 170 20.95 10.27 15.74
N TYR A 171 21.13 9.25 16.57
CA TYR A 171 20.02 8.41 17.05
C TYR A 171 19.50 8.91 18.40
N ALA A 172 20.21 9.86 18.99
CA ALA A 172 19.83 10.40 20.30
C ALA A 172 18.36 10.73 20.48
N GLY A 173 17.76 11.38 19.48
CA GLY A 173 16.37 11.77 19.59
C GLY A 173 15.32 10.71 19.31
N LEU A 174 15.73 9.57 18.78
CA LEU A 174 14.77 8.48 18.49
C LEU A 174 14.69 7.58 19.71
N THR A 175 14.06 8.08 20.76
CA THR A 175 13.94 7.36 22.03
C THR A 175 12.97 6.19 22.15
N SER A 176 11.93 6.15 21.31
CA SER A 176 10.98 5.04 21.39
C SER A 176 11.46 3.89 20.52
N TYR A 177 11.05 2.69 20.89
CA TYR A 177 11.44 1.48 20.18
C TYR A 177 10.30 0.49 20.06
N VAL A 178 10.27 -0.20 18.93
CA VAL A 178 9.26 -1.22 18.70
C VAL A 178 9.86 -2.27 17.76
N ARG A 179 9.67 -3.53 18.09
CA ARG A 179 10.19 -4.62 17.27
C ARG A 179 9.04 -5.24 16.49
N LEU A 180 9.13 -5.20 15.17
CA LEU A 180 8.07 -5.75 14.32
C LEU A 180 8.52 -7.06 13.66
N ARG A 181 7.64 -8.04 13.72
CA ARG A 181 7.89 -9.36 13.15
C ARG A 181 6.93 -9.63 12.01
N ALA A 182 7.26 -10.64 11.21
CA ALA A 182 6.40 -11.02 10.09
C ALA A 182 5.03 -11.38 10.64
N GLY A 183 3.98 -10.80 10.08
CA GLY A 183 2.65 -11.13 10.55
C GLY A 183 2.07 -10.12 11.51
N ASP A 184 2.92 -9.23 12.03
CA ASP A 184 2.44 -8.23 12.96
C ASP A 184 1.59 -7.22 12.21
N PRO A 185 0.72 -6.51 12.93
CA PRO A 185 -0.14 -5.50 12.31
C PRO A 185 0.74 -4.42 11.65
N LYS A 186 0.16 -3.69 10.71
CA LYS A 186 0.91 -2.63 10.03
C LYS A 186 1.29 -1.58 11.06
N PHE A 187 2.49 -1.04 10.95
CA PHE A 187 2.90 -0.01 11.89
C PHE A 187 2.94 1.29 11.11
N VAL A 188 2.21 2.29 11.59
CA VAL A 188 2.18 3.58 10.93
C VAL A 188 3.21 4.55 11.50
N MET A 189 3.92 5.23 10.60
CA MET A 189 4.91 6.23 10.98
C MET A 189 4.40 7.54 10.38
N HIS A 190 3.77 8.36 11.21
CA HIS A 190 3.25 9.63 10.73
C HIS A 190 4.34 10.59 10.28
N ARG A 191 3.98 11.42 9.31
CA ARG A 191 4.88 12.42 8.76
C ARG A 191 5.41 13.35 9.87
N LYS A 192 6.59 13.91 9.63
CA LYS A 192 7.21 14.84 10.58
C LYS A 192 7.65 14.16 11.89
N HIS A 193 7.86 12.85 11.83
CA HIS A 193 8.31 12.11 13.00
C HIS A 193 9.67 11.50 12.72
N LEU A 194 10.65 11.75 13.59
CA LEU A 194 11.99 11.18 13.40
C LEU A 194 11.90 9.68 13.55
N HIS A 195 12.56 8.96 12.64
CA HIS A 195 12.56 7.51 12.70
C HIS A 195 13.76 6.88 11.99
N ALA A 196 14.00 5.62 12.31
CA ALA A 196 15.09 4.86 11.73
C ALA A 196 14.83 3.42 12.09
N PHE A 197 15.51 2.50 11.41
CA PHE A 197 15.29 1.10 11.74
C PHE A 197 16.42 0.21 11.26
N ARG A 198 16.55 -0.95 11.87
CA ARG A 198 17.59 -1.88 11.47
C ARG A 198 17.09 -3.31 11.48
N CYS A 199 17.95 -4.18 10.96
CA CYS A 199 17.73 -5.61 10.95
C CYS A 199 18.66 -6.08 12.07
N PRO A 200 18.14 -6.85 13.05
CA PRO A 200 18.98 -7.34 14.16
C PRO A 200 20.27 -7.93 13.62
N ALA A 201 21.39 -7.57 14.25
CA ALA A 201 22.69 -8.04 13.80
C ALA A 201 22.82 -9.56 13.80
N ASP A 202 21.96 -10.25 14.53
CA ASP A 202 22.02 -11.71 14.61
C ASP A 202 20.97 -12.43 13.77
N SER A 203 20.34 -11.71 12.84
CA SER A 203 19.33 -12.33 12.01
C SER A 203 19.94 -13.27 10.97
N PRO A 204 19.32 -14.45 10.78
CA PRO A 204 19.81 -15.43 9.80
C PRO A 204 19.44 -15.05 8.37
N VAL A 205 18.51 -14.11 8.23
CA VAL A 205 18.07 -13.65 6.92
C VAL A 205 18.03 -12.12 6.86
N PRO A 206 18.02 -11.54 5.65
CA PRO A 206 17.97 -10.07 5.57
C PRO A 206 16.55 -9.65 5.97
N LEU A 207 16.38 -8.38 6.33
CA LEU A 207 15.05 -7.90 6.68
C LEU A 207 14.36 -7.48 5.39
N VAL A 208 13.15 -7.97 5.18
CA VAL A 208 12.39 -7.61 4.00
C VAL A 208 11.07 -7.03 4.49
N VAL A 209 10.90 -5.73 4.26
CA VAL A 209 9.69 -5.04 4.70
C VAL A 209 9.06 -4.21 3.58
N ARG A 210 7.75 -4.32 3.46
CA ARG A 210 7.00 -3.59 2.46
C ARG A 210 6.53 -2.26 3.04
N GLU A 211 6.87 -1.17 2.37
CA GLU A 211 6.46 0.15 2.80
C GLU A 211 5.29 0.63 1.94
N VAL A 212 4.21 0.98 2.60
CA VAL A 212 3.03 1.51 1.93
C VAL A 212 2.88 2.90 2.50
N SER A 213 3.11 3.90 1.66
CA SER A 213 3.04 5.28 2.12
C SER A 213 2.43 6.21 1.09
N THR A 214 2.46 7.50 1.39
CA THR A 214 1.93 8.50 0.48
C THR A 214 3.02 8.74 -0.56
N TYR A 215 2.81 9.67 -1.48
CA TYR A 215 3.81 9.92 -2.52
C TYR A 215 5.21 10.18 -1.99
N SER A 216 6.19 9.63 -2.70
CA SER A 216 7.58 9.74 -2.33
C SER A 216 8.35 10.74 -3.21
N HIS A 217 8.59 11.93 -2.68
CA HIS A 217 9.32 12.96 -3.42
C HIS A 217 10.82 12.73 -3.23
N GLU A 218 11.45 12.11 -4.22
CA GLU A 218 12.89 11.83 -4.15
C GLU A 218 13.54 12.07 -5.52
N PRO A 219 14.01 13.30 -5.76
CA PRO A 219 14.66 13.69 -7.03
C PRO A 219 15.79 12.74 -7.40
N ALA A 227 8.66 16.24 -15.95
CA ALA A 227 7.28 15.80 -16.11
C ALA A 227 6.60 15.64 -14.75
N ALA A 228 6.50 16.74 -14.01
CA ALA A 228 5.89 16.74 -12.68
C ALA A 228 4.37 16.75 -12.73
N PRO A 229 3.71 16.06 -11.79
CA PRO A 229 2.25 16.00 -11.72
C PRO A 229 1.68 17.40 -11.59
N LEU A 230 2.31 18.20 -10.75
CA LEU A 230 1.92 19.58 -10.51
C LEU A 230 3.21 20.41 -10.54
N PRO A 231 3.12 21.69 -10.91
CA PRO A 231 4.33 22.53 -10.95
C PRO A 231 5.08 22.67 -9.62
N GLN A 232 4.35 22.78 -8.51
CA GLN A 232 5.00 22.91 -7.20
C GLN A 232 5.72 21.64 -6.73
N TRP A 233 5.60 20.57 -7.51
CA TRP A 233 6.24 19.28 -7.17
C TRP A 233 7.66 19.13 -7.70
N ARG A 234 8.00 19.91 -8.72
CA ARG A 234 9.32 19.83 -9.32
C ARG A 234 10.45 20.10 -8.32
N GLY A 235 11.51 19.28 -8.40
CA GLY A 235 12.65 19.43 -7.52
C GLY A 235 12.33 19.45 -6.04
N LEU A 236 11.29 18.72 -5.66
CA LEU A 236 10.88 18.67 -4.25
C LEU A 236 11.63 17.54 -3.54
N HIS A 237 12.17 17.84 -2.36
CA HIS A 237 12.89 16.87 -1.56
C HIS A 237 12.05 16.66 -0.31
N ASP A 238 11.69 15.42 0.00
CA ASP A 238 10.88 15.20 1.19
C ASP A 238 11.57 14.36 2.27
N ASN A 239 12.89 14.24 2.18
CA ASN A 239 13.65 13.48 3.17
C ASN A 239 14.69 14.34 3.86
N THR A 240 14.59 14.46 5.17
CA THR A 240 15.57 15.25 5.93
C THR A 240 16.29 14.30 6.88
N PHE A 241 17.59 14.11 6.67
CA PHE A 241 18.36 13.24 7.53
C PHE A 241 19.01 14.01 8.65
N VAL A 242 19.09 13.39 9.83
CA VAL A 242 19.73 14.03 10.97
C VAL A 242 21.20 14.20 10.65
N ALA A 243 21.84 13.11 10.26
CA ALA A 243 23.25 13.14 9.90
C ALA A 243 23.39 13.81 8.54
N GLU A 244 24.02 14.98 8.51
CA GLU A 244 24.22 15.72 7.25
C GLU A 244 24.80 14.79 6.18
N ALA A 245 25.79 13.99 6.57
CA ALA A 245 26.45 13.06 5.65
C ALA A 245 25.47 12.19 4.87
N ALA A 246 24.53 11.58 5.57
CA ALA A 246 23.53 10.72 4.94
C ALA A 246 22.53 11.48 4.08
N ASN A 247 22.39 12.77 4.36
CA ASN A 247 21.45 13.60 3.62
C ASN A 247 21.89 13.76 2.17
N SER A 248 23.19 13.98 2.00
CA SER A 248 23.79 14.16 0.68
C SER A 248 23.86 12.88 -0.16
N GLY A 249 24.64 11.91 0.32
CA GLY A 249 24.82 10.65 -0.38
C GLY A 249 23.57 9.93 -0.88
N ARG A 250 22.47 10.04 -0.15
CA ARG A 250 21.22 9.39 -0.52
C ARG A 250 20.77 9.70 -1.96
N LEU A 251 21.39 10.67 -2.60
CA LEU A 251 21.00 11.07 -3.96
C LEU A 251 21.67 10.36 -5.15
N ALA A 252 22.64 9.49 -4.89
CA ALA A 252 23.32 8.76 -5.97
C ALA A 252 24.33 7.77 -5.40
N THR A 253 24.53 6.64 -6.08
CA THR A 253 25.47 5.63 -5.60
C THR A 253 26.73 5.49 -6.44
N ALA A 254 27.87 5.70 -5.80
CA ALA A 254 29.16 5.61 -6.47
C ALA A 254 29.50 4.17 -6.83
N ILE A 255 29.28 3.80 -8.08
CA ILE A 255 29.58 2.44 -8.53
C ILE A 255 30.80 2.46 -9.44
N ALA A 256 31.83 1.71 -9.06
CA ALA A 256 33.06 1.64 -9.85
C ALA A 256 33.07 0.43 -10.78
N THR B 9 -35.64 -18.51 -2.26
CA THR B 9 -34.40 -17.71 -2.48
C THR B 9 -33.72 -17.41 -1.15
N ARG B 10 -32.40 -17.52 -1.12
CA ARG B 10 -31.63 -17.25 0.09
C ARG B 10 -31.76 -15.78 0.47
N THR B 11 -31.78 -15.51 1.78
CA THR B 11 -31.88 -14.13 2.25
C THR B 11 -30.77 -13.83 3.26
N ALA B 12 -29.98 -14.85 3.59
CA ALA B 12 -28.89 -14.70 4.53
C ALA B 12 -27.90 -15.84 4.41
N ILE B 13 -26.80 -15.75 5.15
CA ILE B 13 -25.77 -16.80 5.13
C ILE B 13 -25.68 -17.41 6.52
N SER B 14 -25.65 -18.74 6.59
CA SER B 14 -25.55 -19.42 7.87
C SER B 14 -24.22 -19.13 8.54
N ARG B 15 -24.19 -19.19 9.87
CA ARG B 15 -22.96 -18.94 10.61
C ARG B 15 -21.87 -19.90 10.13
N ARG B 16 -22.23 -21.16 9.87
CA ARG B 16 -21.24 -22.12 9.40
C ARG B 16 -20.65 -21.71 8.05
N GLU B 17 -21.52 -21.34 7.10
CA GLU B 17 -21.04 -20.93 5.79
C GLU B 17 -20.09 -19.75 5.94
N TYR B 18 -20.49 -18.79 6.77
CA TYR B 18 -19.69 -17.60 6.97
C TYR B 18 -18.31 -17.84 7.58
N ASP B 19 -18.26 -18.67 8.61
CA ASP B 19 -17.00 -18.96 9.28
C ASP B 19 -16.05 -19.78 8.43
N GLU B 20 -16.60 -20.68 7.60
CA GLU B 20 -15.75 -21.48 6.74
C GLU B 20 -15.21 -20.56 5.63
N TRP B 21 -16.09 -19.70 5.12
CA TRP B 21 -15.72 -18.76 4.09
C TRP B 21 -14.53 -17.92 4.53
N LEU B 22 -14.65 -17.24 5.67
CA LEU B 22 -13.57 -16.40 6.16
C LEU B 22 -12.36 -17.14 6.75
N SER B 23 -12.57 -18.33 7.29
CA SER B 23 -11.46 -19.08 7.87
C SER B 23 -10.50 -19.49 6.76
N GLU B 24 -11.08 -19.99 5.68
CA GLU B 24 -10.32 -20.43 4.51
C GLU B 24 -9.68 -19.24 3.81
N ALA B 25 -10.36 -18.10 3.78
CA ALA B 25 -9.80 -16.92 3.13
C ALA B 25 -8.61 -16.38 3.95
N ALA B 26 -8.79 -16.35 5.28
CA ALA B 26 -7.72 -15.89 6.16
C ALA B 26 -6.50 -16.82 6.13
N SER B 27 -6.73 -18.11 5.91
CA SER B 27 -5.62 -19.07 5.87
C SER B 27 -4.86 -18.88 4.57
N LEU B 28 -5.61 -18.70 3.49
CA LEU B 28 -5.02 -18.48 2.19
C LEU B 28 -4.18 -17.20 2.26
N ALA B 29 -4.71 -16.17 2.93
CA ALA B 29 -4.00 -14.90 3.07
C ALA B 29 -2.71 -15.09 3.86
N ARG B 30 -2.80 -15.81 4.97
CA ARG B 30 -1.65 -16.08 5.81
C ARG B 30 -0.66 -16.95 5.05
N ALA B 31 -1.17 -17.87 4.24
CA ALA B 31 -0.29 -18.72 3.45
C ALA B 31 0.54 -17.85 2.50
N LEU B 32 -0.08 -16.77 1.99
CA LEU B 32 0.59 -15.86 1.08
C LEU B 32 1.32 -14.73 1.79
N ARG B 33 1.50 -14.89 3.10
CA ARG B 33 2.20 -13.93 3.93
C ARG B 33 1.53 -12.57 4.14
N TYR B 34 0.21 -12.51 4.04
CA TYR B 34 -0.47 -11.24 4.27
C TYR B 34 -0.71 -11.14 5.76
N PRO B 35 -0.33 -10.02 6.38
CA PRO B 35 -0.51 -9.82 7.82
C PRO B 35 -1.95 -9.84 8.30
N VAL B 36 -2.46 -11.01 8.63
CA VAL B 36 -3.83 -11.12 9.11
C VAL B 36 -3.86 -11.15 10.63
N THR B 37 -4.76 -10.38 11.23
CA THR B 37 -4.89 -10.36 12.67
C THR B 37 -6.30 -10.84 13.02
N PRO B 38 -6.51 -11.24 14.29
CA PRO B 38 -7.82 -11.74 14.73
C PRO B 38 -8.97 -10.80 14.40
N GLU B 39 -8.76 -9.50 14.62
CA GLU B 39 -9.78 -8.50 14.36
C GLU B 39 -10.08 -8.27 12.89
N MET B 40 -9.20 -8.69 11.99
CA MET B 40 -9.45 -8.49 10.57
C MET B 40 -10.48 -9.49 10.09
N VAL B 41 -10.54 -10.63 10.77
CA VAL B 41 -11.48 -11.68 10.43
C VAL B 41 -12.71 -11.46 11.30
N ASN B 42 -13.64 -10.64 10.80
CA ASN B 42 -14.88 -10.33 11.52
C ASN B 42 -16.14 -10.55 10.67
N ASP B 43 -17.32 -10.24 11.24
CA ASP B 43 -18.59 -10.43 10.55
C ASP B 43 -18.92 -9.41 9.46
N SER B 44 -17.93 -8.63 9.06
CA SER B 44 -18.12 -7.63 8.01
C SER B 44 -17.12 -7.83 6.89
N ALA B 45 -16.16 -8.73 7.13
CA ALA B 45 -15.13 -9.01 6.14
C ALA B 45 -15.75 -9.64 4.90
N GLY B 46 -16.75 -10.49 5.12
CA GLY B 46 -17.43 -11.14 4.00
C GLY B 46 -18.57 -10.25 3.53
N ILE B 47 -18.47 -9.78 2.29
CA ILE B 47 -19.46 -8.87 1.72
C ILE B 47 -20.38 -9.48 0.66
N VAL B 48 -21.67 -9.18 0.75
CA VAL B 48 -22.67 -9.64 -0.22
C VAL B 48 -23.33 -8.35 -0.72
N PHE B 49 -23.13 -8.03 -1.98
CA PHE B 49 -23.65 -6.79 -2.57
C PHE B 49 -25.11 -6.81 -3.03
N GLY B 50 -26.04 -6.73 -2.08
CA GLY B 50 -27.44 -6.73 -2.44
C GLY B 50 -28.10 -7.99 -1.90
N ASP B 51 -29.34 -7.87 -1.47
CA ASP B 51 -30.04 -9.02 -0.91
C ASP B 51 -30.22 -10.16 -1.91
N ASP B 52 -30.32 -9.83 -3.19
CA ASP B 52 -30.49 -10.85 -4.22
C ASP B 52 -29.17 -11.57 -4.48
N GLN B 53 -28.10 -11.10 -3.83
CA GLN B 53 -26.80 -11.73 -4.03
C GLN B 53 -26.49 -12.82 -3.02
N TYR B 54 -27.36 -13.01 -2.04
CA TYR B 54 -27.17 -14.07 -1.06
C TYR B 54 -27.41 -15.41 -1.73
N GLU B 55 -28.06 -15.38 -2.89
CA GLU B 55 -28.35 -16.58 -3.65
C GLU B 55 -27.05 -17.28 -4.11
N ALA B 56 -25.92 -16.60 -3.97
CA ALA B 56 -24.63 -17.18 -4.37
C ALA B 56 -24.30 -18.34 -3.44
N PHE B 57 -24.88 -18.29 -2.25
CA PHE B 57 -24.64 -19.32 -1.26
C PHE B 57 -25.60 -20.48 -1.36
N ALA B 58 -26.45 -20.41 -2.38
CA ALA B 58 -27.40 -21.49 -2.66
C ALA B 58 -26.55 -22.69 -3.05
N HIS B 59 -25.68 -22.49 -4.04
CA HIS B 59 -24.79 -23.57 -4.50
C HIS B 59 -23.37 -23.44 -3.96
N GLY B 60 -23.02 -22.27 -3.42
CA GLY B 60 -21.69 -22.11 -2.86
C GLY B 60 -20.68 -21.32 -3.68
N LEU B 61 -19.54 -21.04 -3.06
CA LEU B 61 -18.48 -20.27 -3.69
C LEU B 61 -17.64 -20.99 -4.73
N TRP B 62 -17.90 -22.28 -4.93
CA TRP B 62 -17.15 -23.01 -5.95
C TRP B 62 -18.11 -23.52 -7.01
N SER B 63 -19.26 -22.86 -7.13
CA SER B 63 -20.27 -23.23 -8.12
C SER B 63 -19.89 -22.59 -9.43
N ARG B 64 -18.94 -21.65 -9.38
CA ARG B 64 -18.46 -20.91 -10.53
C ARG B 64 -19.53 -20.07 -11.21
N GLU B 65 -20.62 -19.84 -10.48
CA GLU B 65 -21.75 -19.03 -10.94
C GLU B 65 -21.47 -17.54 -10.72
N PRO B 66 -22.04 -16.68 -11.58
CA PRO B 66 -21.84 -15.23 -11.49
C PRO B 66 -22.68 -14.52 -10.42
N TYR B 67 -21.99 -14.01 -9.40
CA TYR B 67 -22.64 -13.28 -8.30
C TYR B 67 -21.66 -12.21 -7.79
N GLU B 68 -22.19 -11.21 -7.10
CA GLU B 68 -21.36 -10.14 -6.58
C GLU B 68 -21.16 -10.29 -5.07
N VAL B 69 -20.12 -11.04 -4.70
CA VAL B 69 -19.81 -11.30 -3.29
C VAL B 69 -18.29 -11.50 -3.12
N MET B 70 -17.74 -11.08 -2.00
CA MET B 70 -16.29 -11.21 -1.77
C MET B 70 -15.83 -11.01 -0.34
N VAL B 71 -14.55 -11.31 -0.10
CA VAL B 71 -13.94 -11.16 1.21
C VAL B 71 -12.88 -10.06 1.17
N ILE B 72 -12.95 -9.16 2.15
CA ILE B 72 -11.96 -8.10 2.22
C ILE B 72 -11.29 -8.15 3.58
N LEU B 73 -9.98 -8.34 3.57
CA LEU B 73 -9.20 -8.38 4.80
C LEU B 73 -8.42 -7.07 4.78
N GLU B 74 -8.86 -6.13 5.60
CA GLU B 74 -8.23 -4.81 5.64
C GLU B 74 -7.15 -4.69 6.72
N SER B 75 -5.88 -4.67 6.30
CA SER B 75 -4.78 -4.56 7.27
C SER B 75 -4.48 -3.09 7.58
N LEU B 76 -4.93 -2.19 6.72
CA LEU B 76 -4.67 -0.77 6.91
C LEU B 76 -5.76 0.14 6.34
N ASN B 77 -6.03 1.22 7.07
CA ASN B 77 -6.99 2.25 6.67
C ASN B 77 -6.63 3.46 7.52
N GLU B 78 -5.49 4.04 7.18
CA GLU B 78 -4.92 5.19 7.86
C GLU B 78 -5.35 6.52 7.24
N PRO B 79 -6.00 7.37 8.04
CA PRO B 79 -6.47 8.68 7.57
C PRO B 79 -5.31 9.57 7.12
N ALA B 80 -4.14 9.40 7.74
CA ALA B 80 -2.98 10.22 7.41
C ALA B 80 -3.35 11.69 7.55
N VAL B 81 -4.14 11.98 8.58
CA VAL B 81 -4.57 13.33 8.90
C VAL B 81 -3.55 14.03 9.82
N ASP B 82 -2.90 13.27 10.69
CA ASP B 82 -1.90 13.83 11.61
C ASP B 82 -0.76 14.52 10.87
N GLY B 83 -0.41 15.72 11.34
CA GLY B 83 0.67 16.49 10.73
C GLY B 83 0.28 17.16 9.42
N LEU B 84 -0.93 16.88 8.94
CA LEU B 84 -1.39 17.48 7.69
C LEU B 84 -1.83 18.92 8.02
N PRO B 85 -1.42 19.90 7.20
CA PRO B 85 -1.81 21.28 7.48
C PRO B 85 -3.34 21.49 7.49
N ALA B 86 -3.82 22.26 8.46
CA ALA B 86 -5.23 22.56 8.58
C ALA B 86 -5.79 23.11 7.26
N ALA B 87 -4.94 23.78 6.50
CA ALA B 87 -5.33 24.36 5.22
C ALA B 87 -5.86 23.30 4.26
N GLY B 88 -5.37 22.06 4.40
CA GLY B 88 -5.81 21.00 3.53
C GLY B 88 -6.90 20.09 4.06
N ALA B 89 -7.45 20.42 5.22
CA ALA B 89 -8.50 19.58 5.80
C ALA B 89 -9.65 19.32 4.83
N ALA B 90 -9.91 20.30 3.97
CA ALA B 90 -11.02 20.20 3.02
C ALA B 90 -10.90 19.08 2.01
N HIS B 91 -9.68 18.70 1.66
CA HIS B 91 -9.47 17.66 0.67
C HIS B 91 -8.75 16.43 1.20
N ALA B 92 -8.60 16.34 2.52
CA ALA B 92 -7.93 15.21 3.14
C ALA B 92 -8.66 13.90 2.81
N GLU B 93 -9.98 13.98 2.61
CA GLU B 93 -10.77 12.80 2.30
C GLU B 93 -10.37 12.08 1.02
N TYR B 94 -9.62 12.75 0.14
CA TYR B 94 -9.17 12.14 -1.10
C TYR B 94 -7.79 11.51 -0.88
N SER B 95 -7.31 11.58 0.35
CA SER B 95 -6.01 11.04 0.68
C SER B 95 -6.11 9.87 1.67
N GLY B 96 -5.04 9.63 2.41
CA GLY B 96 -5.04 8.52 3.36
C GLY B 96 -4.43 7.28 2.74
N LEU B 97 -4.27 6.24 3.55
CA LEU B 97 -3.69 4.99 3.07
C LEU B 97 -4.52 3.78 3.45
N CYS B 98 -4.74 2.90 2.47
CA CYS B 98 -5.51 1.70 2.71
C CYS B 98 -4.81 0.49 2.08
N ASP B 99 -4.76 -0.61 2.83
CA ASP B 99 -4.16 -1.84 2.34
C ASP B 99 -5.09 -2.98 2.70
N LYS B 100 -5.55 -3.71 1.69
CA LYS B 100 -6.45 -4.82 1.94
C LYS B 100 -6.25 -5.96 0.96
N LEU B 101 -6.56 -7.17 1.40
CA LEU B 101 -6.42 -8.32 0.54
C LEU B 101 -7.85 -8.71 0.17
N MET B 102 -8.12 -8.78 -1.12
CA MET B 102 -9.46 -9.14 -1.55
C MET B 102 -9.44 -10.55 -2.14
N ILE B 103 -10.37 -11.37 -1.68
CA ILE B 103 -10.46 -12.74 -2.17
C ILE B 103 -11.80 -12.94 -2.89
N VAL B 104 -11.70 -13.17 -4.19
CA VAL B 104 -12.87 -13.38 -5.03
C VAL B 104 -12.80 -14.78 -5.63
N HIS B 105 -13.87 -15.54 -5.46
CA HIS B 105 -13.93 -16.90 -5.98
C HIS B 105 -14.24 -16.95 -7.47
N PRO B 106 -13.99 -18.11 -8.12
CA PRO B 106 -14.24 -18.25 -9.56
C PRO B 106 -15.64 -17.84 -10.00
N GLY B 107 -15.69 -16.96 -11.00
CA GLY B 107 -16.96 -16.49 -11.55
C GLY B 107 -17.61 -15.34 -10.80
N LYS B 108 -17.10 -15.03 -9.61
CA LYS B 108 -17.66 -13.96 -8.78
C LYS B 108 -17.08 -12.57 -9.12
N PHE B 109 -17.85 -11.53 -8.82
CA PHE B 109 -17.45 -10.16 -9.11
C PHE B 109 -17.46 -9.17 -7.95
N CYS B 110 -16.74 -8.08 -8.19
CA CYS B 110 -16.73 -6.93 -7.30
C CYS B 110 -17.59 -6.09 -8.25
N PRO B 111 -18.84 -5.81 -7.86
CA PRO B 111 -19.81 -5.03 -8.65
C PRO B 111 -19.42 -3.64 -9.16
N PRO B 112 -19.99 -3.24 -10.31
CA PRO B 112 -19.74 -1.94 -10.94
C PRO B 112 -19.98 -0.79 -9.96
N HIS B 113 -19.00 0.10 -9.86
CA HIS B 113 -19.09 1.23 -8.96
C HIS B 113 -17.94 2.17 -9.23
N PHE B 114 -17.97 3.31 -8.55
CA PHE B 114 -16.90 4.29 -8.66
C PHE B 114 -16.80 4.98 -7.30
N HIS B 115 -15.67 5.65 -7.08
CA HIS B 115 -15.43 6.36 -5.83
C HIS B 115 -15.22 7.81 -6.19
N GLN B 116 -15.78 8.72 -5.42
CA GLN B 116 -15.56 10.11 -5.76
C GLN B 116 -14.17 10.49 -5.27
N ARG B 117 -13.80 9.97 -4.11
CA ARG B 117 -12.53 10.31 -3.49
C ARG B 117 -11.38 9.31 -3.63
N LYS B 118 -11.68 8.01 -3.53
CA LYS B 118 -10.63 6.99 -3.58
C LYS B 118 -10.04 6.59 -4.92
N THR B 119 -8.71 6.58 -4.95
CA THR B 119 -7.93 6.15 -6.10
C THR B 119 -7.26 4.87 -5.58
N GLU B 120 -7.29 3.82 -6.38
CA GLU B 120 -6.74 2.54 -5.99
C GLU B 120 -5.76 1.93 -6.98
N SER B 121 -5.15 0.82 -6.57
CA SER B 121 -4.18 0.11 -7.39
C SER B 121 -4.31 -1.34 -7.04
N TYR B 122 -4.05 -2.20 -8.02
CA TYR B 122 -4.16 -3.64 -7.82
C TYR B 122 -2.85 -4.37 -8.03
N GLU B 123 -2.64 -5.39 -7.20
CA GLU B 123 -1.46 -6.23 -7.27
C GLU B 123 -1.99 -7.66 -7.15
N VAL B 124 -2.01 -8.39 -8.25
CA VAL B 124 -2.50 -9.76 -8.21
C VAL B 124 -1.45 -10.64 -7.53
N VAL B 125 -1.89 -11.33 -6.47
CA VAL B 125 -1.01 -12.20 -5.71
C VAL B 125 -1.19 -13.66 -6.09
N LEU B 126 -2.43 -14.05 -6.37
CA LEU B 126 -2.70 -15.43 -6.76
C LEU B 126 -3.88 -15.50 -7.75
N GLY B 127 -3.70 -16.25 -8.83
CA GLY B 127 -4.75 -16.37 -9.82
C GLY B 127 -4.71 -15.28 -10.87
N GLU B 128 -5.85 -14.94 -11.45
CA GLU B 128 -5.90 -13.90 -12.48
C GLU B 128 -7.06 -12.96 -12.23
N MET B 129 -6.90 -11.71 -12.63
CA MET B 129 -7.91 -10.68 -12.44
C MET B 129 -8.41 -10.07 -13.75
N GLU B 130 -9.73 -10.08 -13.95
CA GLU B 130 -10.31 -9.49 -15.15
C GLU B 130 -10.98 -8.20 -14.73
N VAL B 131 -10.43 -7.08 -15.20
CA VAL B 131 -10.96 -5.77 -14.84
C VAL B 131 -11.78 -5.15 -15.96
N PHE B 132 -12.97 -4.67 -15.60
CA PHE B 132 -13.88 -4.01 -16.54
C PHE B 132 -14.04 -2.60 -16.00
N TYR B 133 -13.80 -1.60 -16.84
CA TYR B 133 -13.91 -0.23 -16.41
C TYR B 133 -14.22 0.73 -17.56
N ALA B 134 -14.55 1.96 -17.17
CA ALA B 134 -14.83 3.02 -18.12
C ALA B 134 -13.55 3.86 -18.18
N PRO B 135 -12.95 3.99 -19.38
CA PRO B 135 -11.72 4.78 -19.52
C PRO B 135 -11.97 6.26 -19.26
N GLU B 136 -13.22 6.66 -19.38
CA GLU B 136 -13.60 8.04 -19.15
C GLU B 136 -14.18 8.16 -17.74
N PRO B 137 -13.79 9.20 -17.00
CA PRO B 137 -14.32 9.35 -15.64
C PRO B 137 -15.73 9.91 -15.65
N VAL B 138 -16.51 9.59 -14.62
CA VAL B 138 -17.88 10.11 -14.52
C VAL B 138 -17.74 11.57 -14.12
N THR B 139 -18.82 12.32 -14.22
CA THR B 139 -18.78 13.74 -13.84
C THR B 139 -19.74 14.05 -12.70
N VAL B 140 -19.38 13.65 -11.49
CA VAL B 140 -20.21 13.88 -10.30
C VAL B 140 -20.72 15.31 -10.28
N GLY B 141 -19.80 16.25 -10.11
CA GLY B 141 -20.19 17.65 -10.10
C GLY B 141 -19.72 18.28 -11.40
N ASP B 142 -18.55 18.91 -11.34
CA ASP B 142 -17.97 19.56 -12.51
C ASP B 142 -16.70 20.28 -12.07
N ASP B 143 -16.71 20.75 -10.83
CA ASP B 143 -15.60 21.46 -10.23
C ASP B 143 -14.28 21.04 -10.85
N ASP B 144 -13.82 21.82 -11.83
CA ASP B 144 -12.57 21.55 -12.53
C ASP B 144 -11.62 20.67 -11.71
N VAL B 145 -11.40 19.45 -12.20
CA VAL B 145 -10.52 18.50 -11.54
C VAL B 145 -9.14 18.56 -12.19
N LEU B 146 -8.20 17.83 -11.63
CA LEU B 146 -6.84 17.80 -12.17
C LEU B 146 -6.63 16.55 -13.02
N SER B 147 -5.64 16.61 -13.90
CA SER B 147 -5.28 15.51 -14.78
C SER B 147 -3.76 15.41 -14.85
N PHE B 148 -3.25 14.24 -15.19
CA PHE B 148 -1.81 14.04 -15.28
C PHE B 148 -1.49 12.84 -16.16
N SER B 149 -2.12 11.72 -15.84
CA SER B 149 -1.93 10.50 -16.58
C SER B 149 -3.24 9.75 -16.49
N PRO B 150 -4.18 10.06 -17.39
CA PRO B 150 -5.51 9.43 -17.44
C PRO B 150 -5.46 7.93 -17.66
N MET B 151 -6.60 7.28 -17.48
CA MET B 151 -6.70 5.83 -17.63
C MET B 151 -6.37 5.34 -19.02
N PRO B 152 -5.63 4.23 -19.12
CA PRO B 152 -5.29 3.69 -20.44
C PRO B 152 -6.55 3.22 -21.13
N GLU B 153 -6.52 3.20 -22.46
CA GLU B 153 -7.68 2.80 -23.24
C GLU B 153 -8.16 1.37 -22.96
N GLY B 154 -7.21 0.46 -22.71
CA GLY B 154 -7.57 -0.91 -22.45
C GLY B 154 -7.99 -1.59 -23.74
N SER B 155 -8.60 -2.78 -23.62
CA SER B 155 -9.04 -3.52 -24.78
C SER B 155 -10.51 -3.89 -24.69
N PRO B 156 -11.06 -4.46 -25.76
CA PRO B 156 -12.48 -4.83 -25.68
C PRO B 156 -12.61 -6.09 -24.83
N TRP B 157 -13.81 -6.36 -24.34
CA TRP B 157 -14.03 -7.54 -23.53
C TRP B 157 -13.76 -8.81 -24.34
N PRO B 158 -13.19 -9.83 -23.70
CA PRO B 158 -12.93 -11.06 -24.43
C PRO B 158 -14.31 -11.72 -24.48
N GLU B 159 -14.45 -12.84 -25.16
CA GLU B 159 -15.74 -13.50 -25.18
C GLU B 159 -15.80 -14.56 -24.10
N GLY B 160 -16.99 -14.75 -23.52
CA GLY B 160 -17.16 -15.75 -22.49
C GLY B 160 -17.45 -15.24 -21.08
N VAL B 161 -17.51 -13.92 -20.90
CA VAL B 161 -17.76 -13.38 -19.57
C VAL B 161 -19.23 -13.44 -19.17
N ALA B 162 -19.51 -14.21 -18.13
CA ALA B 162 -20.88 -14.35 -17.63
C ALA B 162 -21.12 -13.37 -16.47
N LEU B 163 -22.08 -12.47 -16.64
CA LEU B 163 -22.41 -11.46 -15.64
C LEU B 163 -23.51 -11.93 -14.68
N PRO B 164 -23.63 -11.29 -13.50
CA PRO B 164 -24.68 -11.72 -12.58
C PRO B 164 -26.08 -11.41 -13.12
N ALA B 165 -27.00 -12.36 -12.95
CA ALA B 165 -28.37 -12.21 -13.43
C ALA B 165 -29.06 -11.03 -12.75
N GLY B 166 -29.68 -10.18 -13.56
CA GLY B 166 -30.38 -9.02 -13.03
C GLY B 166 -29.46 -7.83 -12.82
N ARG B 167 -28.16 -8.04 -13.00
CA ARG B 167 -27.21 -6.94 -12.83
C ARG B 167 -26.44 -6.68 -14.12
N GLU B 168 -26.58 -7.55 -15.12
CA GLU B 168 -25.83 -7.39 -16.36
C GLU B 168 -25.88 -6.00 -17.01
N ASP B 169 -26.99 -5.31 -16.87
CA ASP B 169 -27.12 -3.98 -17.46
C ASP B 169 -26.27 -2.94 -16.73
N SER B 170 -25.80 -3.28 -15.54
CA SER B 170 -24.98 -2.34 -14.77
C SER B 170 -23.52 -2.30 -15.22
N TYR B 171 -23.13 -3.23 -16.10
CA TYR B 171 -21.76 -3.26 -16.60
C TYR B 171 -21.64 -2.63 -17.98
N ALA B 172 -22.74 -2.04 -18.46
CA ALA B 172 -22.77 -1.44 -19.79
C ALA B 172 -21.68 -0.39 -20.06
N GLY B 173 -21.54 0.58 -19.17
CA GLY B 173 -20.55 1.62 -19.38
C GLY B 173 -19.10 1.24 -19.12
N LEU B 174 -18.88 0.06 -18.53
CA LEU B 174 -17.52 -0.41 -18.22
C LEU B 174 -16.97 -1.15 -19.43
N THR B 175 -16.82 -0.41 -20.52
CA THR B 175 -16.35 -0.95 -21.79
C THR B 175 -14.87 -1.34 -21.94
N SER B 176 -14.01 -0.86 -21.04
CA SER B 176 -12.59 -1.19 -21.12
C SER B 176 -12.22 -2.45 -20.34
N TYR B 177 -11.37 -3.29 -20.94
CA TYR B 177 -10.97 -4.53 -20.28
C TYR B 177 -9.46 -4.74 -20.19
N VAL B 178 -9.02 -5.19 -19.02
CA VAL B 178 -7.62 -5.49 -18.79
C VAL B 178 -7.56 -6.77 -17.97
N ARG B 179 -6.60 -7.65 -18.31
CA ARG B 179 -6.45 -8.89 -17.58
C ARG B 179 -5.11 -8.88 -16.85
N LEU B 180 -5.16 -8.85 -15.53
CA LEU B 180 -3.96 -8.82 -14.69
C LEU B 180 -3.63 -10.20 -14.15
N ARG B 181 -2.36 -10.58 -14.26
CA ARG B 181 -1.92 -11.88 -13.76
C ARG B 181 -0.92 -11.70 -12.62
N ALA B 182 -0.76 -12.75 -11.83
CA ALA B 182 0.15 -12.73 -10.71
C ALA B 182 1.55 -12.30 -11.14
N GLY B 183 2.13 -11.34 -10.43
CA GLY B 183 3.45 -10.88 -10.78
C GLY B 183 3.47 -9.72 -11.74
N ASP B 184 2.30 -9.26 -12.16
CA ASP B 184 2.25 -8.11 -13.07
C ASP B 184 2.43 -6.82 -12.31
N PRO B 185 2.93 -5.78 -13.00
CA PRO B 185 3.12 -4.50 -12.34
C PRO B 185 1.78 -3.98 -11.85
N LYS B 186 1.83 -3.03 -10.92
CA LYS B 186 0.64 -2.44 -10.33
C LYS B 186 -0.29 -1.79 -11.36
N PHE B 187 -1.60 -1.94 -11.18
CA PHE B 187 -2.56 -1.33 -12.09
C PHE B 187 -3.33 -0.27 -11.31
N VAL B 188 -3.37 0.95 -11.84
CA VAL B 188 -4.06 2.04 -11.15
C VAL B 188 -5.46 2.36 -11.67
N MET B 189 -6.40 2.45 -10.73
CA MET B 189 -7.79 2.79 -11.02
C MET B 189 -8.07 4.15 -10.37
N HIS B 190 -7.90 5.22 -11.14
CA HIS B 190 -8.10 6.59 -10.66
C HIS B 190 -9.52 6.81 -10.16
N ARG B 191 -9.64 7.65 -9.14
CA ARG B 191 -10.94 7.98 -8.57
C ARG B 191 -11.90 8.48 -9.65
N LYS B 192 -13.19 8.34 -9.38
CA LYS B 192 -14.25 8.76 -10.30
C LYS B 192 -14.50 7.84 -11.51
N HIS B 193 -13.66 6.82 -11.67
CA HIS B 193 -13.85 5.89 -12.77
C HIS B 193 -14.67 4.68 -12.36
N LEU B 194 -15.66 4.32 -13.19
CA LEU B 194 -16.48 3.14 -12.90
C LEU B 194 -15.62 1.93 -13.17
N HIS B 195 -15.78 0.90 -12.34
CA HIS B 195 -15.01 -0.30 -12.52
C HIS B 195 -15.63 -1.47 -11.81
N ALA B 196 -15.12 -2.64 -12.15
CA ALA B 196 -15.56 -3.90 -11.58
C ALA B 196 -14.54 -4.91 -12.01
N PHE B 197 -14.56 -6.08 -11.38
CA PHE B 197 -13.63 -7.12 -11.75
C PHE B 197 -14.10 -8.46 -11.25
N ARG B 198 -13.56 -9.52 -11.84
CA ARG B 198 -13.95 -10.86 -11.43
C ARG B 198 -12.78 -11.82 -11.53
N CYS B 199 -13.03 -13.02 -11.05
CA CYS B 199 -12.09 -14.11 -11.08
C CYS B 199 -12.61 -14.98 -12.23
N PRO B 200 -11.78 -15.26 -13.24
CA PRO B 200 -12.28 -16.10 -14.34
C PRO B 200 -12.95 -17.35 -13.78
N ALA B 201 -14.10 -17.69 -14.34
CA ALA B 201 -14.88 -18.85 -13.91
C ALA B 201 -14.16 -20.19 -14.02
N ASP B 202 -13.15 -20.28 -14.87
CA ASP B 202 -12.42 -21.54 -15.05
C ASP B 202 -11.16 -21.58 -14.19
N SER B 203 -11.03 -20.63 -13.27
CA SER B 203 -9.86 -20.59 -12.40
C SER B 203 -9.84 -21.69 -11.35
N PRO B 204 -8.66 -22.34 -11.18
CA PRO B 204 -8.51 -23.42 -10.20
C PRO B 204 -8.34 -22.88 -8.78
N VAL B 205 -8.12 -21.57 -8.67
CA VAL B 205 -7.92 -20.94 -7.38
C VAL B 205 -8.73 -19.67 -7.25
N PRO B 206 -8.93 -19.18 -6.03
CA PRO B 206 -9.68 -17.92 -5.88
C PRO B 206 -8.72 -16.81 -6.26
N LEU B 207 -9.26 -15.68 -6.69
CA LEU B 207 -8.42 -14.54 -7.03
C LEU B 207 -8.03 -13.85 -5.72
N VAL B 208 -6.73 -13.63 -5.52
CA VAL B 208 -6.22 -12.95 -4.34
C VAL B 208 -5.51 -11.68 -4.82
N VAL B 209 -6.15 -10.55 -4.61
CA VAL B 209 -5.59 -9.26 -5.05
C VAL B 209 -5.38 -8.28 -3.90
N ARG B 210 -4.22 -7.61 -3.91
CA ARG B 210 -3.91 -6.65 -2.88
C ARG B 210 -4.28 -5.26 -3.35
N GLU B 211 -5.05 -4.54 -2.54
CA GLU B 211 -5.45 -3.18 -2.91
C GLU B 211 -4.67 -2.18 -2.09
N VAL B 212 -3.97 -1.28 -2.77
CA VAL B 212 -3.24 -0.22 -2.11
C VAL B 212 -3.89 1.06 -2.64
N SER B 213 -4.51 1.82 -1.74
CA SER B 213 -5.20 3.03 -2.16
C SER B 213 -5.31 4.10 -1.07
N THR B 214 -6.05 5.15 -1.40
CA THR B 214 -6.28 6.24 -0.47
C THR B 214 -7.30 5.69 0.53
N TYR B 215 -7.65 6.50 1.54
CA TYR B 215 -8.59 6.10 2.60
C TYR B 215 -9.92 5.52 2.12
N SER B 216 -10.34 4.41 2.75
CA SER B 216 -11.61 3.77 2.40
C SER B 216 -12.75 4.24 3.30
N HIS B 217 -13.54 5.18 2.79
CA HIS B 217 -14.67 5.74 3.53
C HIS B 217 -15.85 4.78 3.44
N GLU B 218 -15.96 3.89 4.43
CA GLU B 218 -17.04 2.91 4.48
C GLU B 218 -17.35 2.65 5.94
N PRO B 219 -18.60 2.28 6.25
CA PRO B 219 -18.95 2.00 7.64
C PRO B 219 -18.17 0.80 8.19
N ALA B 228 -13.91 9.12 14.22
CA ALA B 228 -14.03 10.30 13.35
C ALA B 228 -12.71 11.04 13.30
N PRO B 229 -11.84 10.70 12.33
CA PRO B 229 -10.53 11.34 12.17
C PRO B 229 -10.66 12.82 11.84
N LEU B 230 -11.78 13.18 11.22
CA LEU B 230 -12.04 14.56 10.84
C LEU B 230 -13.55 14.71 10.87
N PRO B 231 -14.06 15.82 11.43
CA PRO B 231 -15.50 16.09 11.52
C PRO B 231 -16.29 15.75 10.25
N GLN B 232 -15.92 16.36 9.13
CA GLN B 232 -16.62 16.16 7.86
C GLN B 232 -16.59 14.73 7.33
N TRP B 233 -15.75 13.87 7.91
CA TRP B 233 -15.63 12.48 7.47
C TRP B 233 -16.69 11.57 8.07
N ARG B 234 -17.34 12.04 9.13
CA ARG B 234 -18.36 11.24 9.79
C ARG B 234 -19.48 10.81 8.84
N GLY B 235 -19.84 9.52 8.91
CA GLY B 235 -20.89 8.98 8.07
C GLY B 235 -20.65 9.11 6.57
N LEU B 236 -19.39 9.09 6.17
CA LEU B 236 -19.04 9.21 4.76
C LEU B 236 -18.94 7.85 4.08
N HIS B 237 -19.69 7.68 2.99
CA HIS B 237 -19.70 6.45 2.20
C HIS B 237 -19.12 6.83 0.84
N ASP B 238 -17.92 6.37 0.54
CA ASP B 238 -17.28 6.71 -0.72
C ASP B 238 -17.45 5.65 -1.81
N ASN B 239 -18.45 4.79 -1.67
CA ASN B 239 -18.72 3.75 -2.68
C ASN B 239 -20.08 3.95 -3.31
N THR B 240 -20.14 4.29 -4.59
CA THR B 240 -21.43 4.47 -5.23
C THR B 240 -21.59 3.41 -6.32
N PHE B 241 -22.43 2.42 -6.06
CA PHE B 241 -22.65 1.33 -7.01
C PHE B 241 -23.69 1.64 -8.06
N VAL B 242 -23.44 1.18 -9.29
CA VAL B 242 -24.39 1.39 -10.37
C VAL B 242 -25.76 0.82 -9.99
N ALA B 243 -25.79 -0.46 -9.62
CA ALA B 243 -27.03 -1.13 -9.23
C ALA B 243 -27.51 -0.68 -7.86
N GLU B 244 -28.72 -0.12 -7.82
CA GLU B 244 -29.28 0.36 -6.57
C GLU B 244 -29.36 -0.71 -5.49
N ALA B 245 -29.64 -1.95 -5.89
CA ALA B 245 -29.73 -3.06 -4.95
C ALA B 245 -28.47 -3.15 -4.10
N ALA B 246 -27.32 -3.29 -4.75
CA ALA B 246 -26.06 -3.38 -4.04
C ALA B 246 -25.68 -2.03 -3.45
N ASN B 247 -26.24 -0.97 -4.02
CA ASN B 247 -25.93 0.38 -3.57
C ASN B 247 -26.52 0.64 -2.18
N SER B 248 -27.84 0.57 -2.06
CA SER B 248 -28.50 0.80 -0.78
C SER B 248 -28.25 -0.30 0.25
N GLY B 249 -27.58 -1.37 -0.18
CA GLY B 249 -27.29 -2.47 0.72
C GLY B 249 -25.81 -2.52 1.09
N ARG B 250 -25.24 -3.73 1.07
CA ARG B 250 -23.82 -3.97 1.40
C ARG B 250 -23.30 -3.31 2.68
N LEU B 251 -24.18 -2.78 3.52
CA LEU B 251 -23.76 -2.15 4.77
C LEU B 251 -23.62 -3.13 5.92
N ALA B 252 -24.03 -4.38 5.70
CA ALA B 252 -23.94 -5.37 6.76
C ALA B 252 -24.38 -6.75 6.27
N THR B 253 -23.51 -7.73 6.43
CA THR B 253 -23.82 -9.07 5.99
C THR B 253 -24.81 -9.71 6.95
N ALA B 254 -25.85 -10.31 6.38
CA ALA B 254 -26.87 -10.98 7.18
C ALA B 254 -26.42 -12.42 7.41
N ILE B 255 -26.09 -12.74 8.65
CA ILE B 255 -25.64 -14.07 9.01
C ILE B 255 -26.63 -14.72 9.99
N ALA B 256 -27.08 -15.92 9.66
CA ALA B 256 -28.03 -16.65 10.49
C ALA B 256 -27.31 -17.74 11.27
MN MN C . 11.00 7.33 6.07
C1 SF6 D . 12.42 4.64 4.98
O1 SF6 D . 11.60 4.98 6.09
C2 SF6 D . 12.27 5.63 3.85
O2 SF6 D . 11.04 6.34 4.00
C3 SF6 D . 12.35 5.02 2.45
O3 SF6 D . 11.04 4.88 1.90
C4 SF6 D . 13.15 6.03 1.63
O4 SF6 D . 12.27 6.83 0.86
C5 SF6 D . 13.86 6.91 2.66
O5 SF6 D . 13.34 6.58 3.96
C6 SF6 D . 15.36 6.70 2.69
O6 SF6 D . 16.02 7.69 1.91
MN MN E . -13.34 0.37 -5.97
C1 LPK F . -12.43 -2.68 -4.89
O1 LPK F . -12.35 -1.94 -6.09
C2 LPK F . -12.70 -1.75 -3.73
O2 LPK F . -12.83 -0.55 -3.95
C3 LPK F . -13.20 -2.32 -2.43
O3 LPK F . -12.34 -1.91 -1.37
C4 LPK F . -14.61 -1.79 -2.17
O4 LPK F . -15.31 -1.72 -3.40
C5 LPK F . -15.36 -2.69 -1.21
O5 LPK F . -15.33 -2.13 0.09
C6 LPK F . -16.79 -2.94 -1.64
O6 LPK F . -17.65 -1.91 -1.15
C1 SF9 G . -21.32 -8.90 -22.42
O1 SF9 G . -22.53 -9.21 -21.73
C2 SF9 G . -20.67 -10.14 -22.97
O2 SF9 G . -20.72 -11.18 -22.01
C3 SF9 G . -21.28 -10.62 -24.29
O3 SF9 G . -21.99 -9.55 -24.89
C4 SF9 G . -20.09 -11.01 -25.16
O4 SF9 G . -20.26 -10.47 -26.46
C5 SF9 G . -18.87 -10.38 -24.49
O5 SF9 G . -19.29 -9.85 -23.22
C6 SF9 G . -17.83 -11.44 -24.20
O6 SF9 G . -17.54 -11.51 -22.80
#